data_7TZE
#
_entry.id   7TZE
#
_cell.length_a   35.729
_cell.length_b   92.534
_cell.length_c   81.771
_cell.angle_alpha   90.000
_cell.angle_beta   90.780
_cell.angle_gamma   90.000
#
_symmetry.space_group_name_H-M   'P 1 21 1'
#
loop_
_entity.id
_entity.type
_entity.pdbx_description
1 polymer 'Lymphocyte activation gene 3 protein'
2 non-polymer 2-acetamido-2-deoxy-beta-D-glucopyranose
3 non-polymer 1,2-ETHANEDIOL
4 water water
#
_entity_poly.entity_id   1
_entity_poly.type   'polypeptide(L)'
_entity_poly.pdbx_seq_one_letter_code
;SGPGKELPVVWAQEGAPVHLPCSLKSPNLDPNFLRRGGVIWQHQPDSGQPTPIPALDLHQGMPSPRQPAPGRYTVLSVAP
GGLRSGRQPLHPHVQLEERGLQRGDFSLWLRPALRTDAGEYHATVRLPNRALSCSLRLRVGQASMIASPSGVLKLSDWVL
LNCSFSRPDRPVSVHWFQGQNRVPVYNSPRHFLAETFLLLPQVSPLDSGTWGCVLTYRDGFNVSITYNLKVL
;
_entity_poly.pdbx_strand_id   A,C
#
loop_
_chem_comp.id
_chem_comp.type
_chem_comp.name
_chem_comp.formula
EDO non-polymer 1,2-ETHANEDIOL 'C2 H6 O2'
NAG D-saccharide, beta linking 2-acetamido-2-deoxy-beta-D-glucopyranose 'C8 H15 N O6'
#
# COMPACT_ATOMS: atom_id res chain seq x y z
N GLU A 6 -5.65 -28.91 -2.21
CA GLU A 6 -6.35 -29.76 -1.25
C GLU A 6 -7.84 -29.58 -1.44
N LEU A 7 -8.34 -28.50 -0.87
CA LEU A 7 -9.68 -27.95 -0.85
C LEU A 7 -9.89 -27.01 -2.03
N PRO A 8 -11.11 -27.00 -2.58
CA PRO A 8 -11.44 -25.97 -3.58
C PRO A 8 -11.36 -24.58 -2.97
N VAL A 9 -10.82 -23.65 -3.75
CA VAL A 9 -10.65 -22.26 -3.32
C VAL A 9 -11.80 -21.44 -3.87
N VAL A 10 -12.42 -20.66 -3.00
CA VAL A 10 -13.45 -19.70 -3.39
C VAL A 10 -12.93 -18.30 -3.04
N TRP A 11 -12.98 -17.40 -4.01
CA TRP A 11 -12.49 -16.05 -3.81
C TRP A 11 -13.64 -15.11 -3.48
N ALA A 12 -13.36 -14.14 -2.61
CA ALA A 12 -14.33 -13.12 -2.24
C ALA A 12 -13.68 -11.75 -2.34
N GLN A 13 -14.50 -10.75 -2.62
CA GLN A 13 -14.09 -9.35 -2.59
C GLN A 13 -14.64 -8.72 -1.31
N GLU A 14 -13.75 -8.14 -0.51
CA GLU A 14 -14.16 -7.54 0.75
C GLU A 14 -15.08 -6.36 0.51
N GLY A 15 -16.20 -6.33 1.22
CA GLY A 15 -17.22 -5.33 1.02
C GLY A 15 -18.31 -5.71 0.05
N ALA A 16 -18.12 -6.76 -0.73
CA ALA A 16 -19.09 -7.27 -1.68
C ALA A 16 -19.64 -8.61 -1.21
N PRO A 17 -20.90 -8.93 -1.52
CA PRO A 17 -21.43 -10.24 -1.13
C PRO A 17 -20.73 -11.38 -1.84
N VAL A 18 -20.68 -12.53 -1.17
CA VAL A 18 -20.17 -13.74 -1.78
C VAL A 18 -21.00 -14.92 -1.29
N HIS A 19 -21.10 -15.94 -2.11
CA HIS A 19 -21.83 -17.15 -1.78
C HIS A 19 -20.89 -18.33 -1.88
N LEU A 20 -20.89 -19.16 -0.85
CA LEU A 20 -20.07 -20.36 -0.82
C LEU A 20 -20.96 -21.48 -1.34
N PRO A 21 -20.67 -22.04 -2.51
CA PRO A 21 -21.64 -22.90 -3.20
C PRO A 21 -21.75 -24.26 -2.54
N CYS A 22 -22.99 -24.70 -2.31
CA CYS A 22 -23.25 -26.06 -1.87
C CYS A 22 -24.65 -26.42 -2.35
N SER A 23 -24.72 -27.23 -3.39
CA SER A 23 -25.94 -27.50 -4.14
C SER A 23 -25.99 -29.00 -4.38
N LEU A 24 -27.16 -29.57 -4.20
CA LEU A 24 -27.37 -30.97 -4.58
C LEU A 24 -27.27 -31.13 -6.10
N LYS A 25 -26.50 -32.14 -6.51
CA LYS A 25 -26.30 -32.41 -7.93
C LYS A 25 -27.60 -32.95 -8.50
N SER A 26 -28.17 -32.21 -9.46
CA SER A 26 -29.47 -32.47 -10.12
C SER A 26 -30.56 -32.52 -9.05
N PRO A 27 -30.67 -31.45 -8.24
CA PRO A 27 -31.63 -31.33 -7.12
C PRO A 27 -33.06 -30.99 -7.53
N ASN A 28 -33.63 -31.79 -8.43
CA ASN A 28 -34.99 -31.50 -8.86
C ASN A 28 -35.96 -32.43 -8.14
N LEU A 29 -36.25 -32.06 -6.89
CA LEU A 29 -37.30 -32.63 -6.05
C LEU A 29 -38.36 -31.54 -5.88
N ASP A 30 -39.43 -31.85 -5.17
CA ASP A 30 -40.45 -30.86 -4.90
C ASP A 30 -39.85 -29.70 -4.09
N PRO A 31 -40.12 -28.45 -4.48
CA PRO A 31 -39.58 -27.30 -3.71
C PRO A 31 -39.94 -27.32 -2.23
N ASN A 32 -41.07 -27.94 -1.86
CA ASN A 32 -41.39 -28.09 -0.45
C ASN A 32 -40.77 -29.34 0.18
N PHE A 33 -40.26 -30.25 -0.64
CA PHE A 33 -39.48 -31.37 -0.08
C PHE A 33 -38.06 -30.93 0.26
N LEU A 34 -37.44 -30.11 -0.59
CA LEU A 34 -36.04 -29.77 -0.36
C LEU A 34 -35.88 -28.66 0.69
N ARG A 35 -36.89 -27.80 0.86
CA ARG A 35 -36.91 -26.88 1.99
C ARG A 35 -36.90 -27.60 3.34
N ARG A 36 -37.39 -28.84 3.39
CA ARG A 36 -37.44 -29.54 4.66
C ARG A 36 -36.09 -30.11 5.05
N GLY A 37 -35.08 -29.92 4.22
CA GLY A 37 -33.74 -30.33 4.57
C GLY A 37 -33.13 -29.36 5.58
N GLY A 38 -32.10 -29.83 6.25
CA GLY A 38 -31.40 -29.03 7.24
C GLY A 38 -29.94 -28.97 6.88
N VAL A 39 -29.28 -27.91 7.33
CA VAL A 39 -27.89 -27.71 6.96
C VAL A 39 -27.14 -27.11 8.15
N ILE A 40 -25.88 -27.50 8.29
CA ILE A 40 -24.97 -26.91 9.26
C ILE A 40 -23.77 -26.40 8.48
N TRP A 41 -23.45 -25.12 8.66
CA TRP A 41 -22.24 -24.55 8.08
C TRP A 41 -21.25 -24.28 9.22
N GLN A 42 -20.04 -24.83 9.09
CA GLN A 42 -18.99 -24.65 10.07
C GLN A 42 -17.85 -23.87 9.44
N HIS A 43 -17.22 -23.00 10.23
CA HIS A 43 -16.11 -22.20 9.77
C HIS A 43 -14.95 -22.38 10.73
N GLN A 44 -13.86 -22.95 10.26
CA GLN A 44 -12.63 -22.95 11.04
C GLN A 44 -11.76 -21.81 10.54
N PRO A 45 -11.66 -20.71 11.29
CA PRO A 45 -10.94 -19.52 10.80
C PRO A 45 -9.45 -19.78 10.73
N ASP A 46 -8.81 -19.07 9.81
CA ASP A 46 -7.40 -19.26 9.56
C ASP A 46 -6.54 -18.53 10.59
N GLY A 71 -10.42 -24.86 15.42
CA GLY A 71 -11.47 -24.11 16.08
C GLY A 71 -12.74 -24.02 15.26
N ARG A 72 -13.23 -25.18 14.81
CA ARG A 72 -14.46 -25.23 14.03
C ARG A 72 -15.62 -24.73 14.87
N TYR A 73 -16.33 -23.72 14.36
CA TYR A 73 -17.54 -23.24 15.01
C TYR A 73 -18.65 -23.12 13.98
N THR A 74 -19.88 -23.28 14.44
CA THR A 74 -21.05 -23.28 13.58
C THR A 74 -21.48 -21.84 13.34
N VAL A 75 -21.59 -21.44 12.07
CA VAL A 75 -21.98 -20.06 11.81
C VAL A 75 -23.47 -19.95 11.51
N LEU A 76 -24.09 -21.02 11.01
CA LEU A 76 -25.54 -21.09 10.97
C LEU A 76 -25.98 -22.54 10.80
N SER A 77 -27.12 -22.83 11.40
CA SER A 77 -27.72 -24.16 11.43
C SER A 77 -29.21 -24.01 11.23
N VAL A 78 -29.75 -24.68 10.22
CA VAL A 78 -31.19 -24.80 10.07
C VAL A 78 -31.54 -26.27 10.26
N ALA A 79 -32.52 -26.54 11.11
CA ALA A 79 -32.91 -27.88 11.49
C ALA A 79 -33.78 -28.47 10.39
N PRO A 80 -33.61 -29.76 10.08
CA PRO A 80 -34.51 -30.37 9.10
C PRO A 80 -35.93 -30.41 9.61
N GLY A 81 -36.88 -30.50 8.67
CA GLY A 81 -38.30 -30.48 8.97
C GLY A 81 -39.06 -29.37 8.29
N GLY A 82 -38.39 -28.32 7.84
CA GLY A 82 -39.06 -27.28 7.08
C GLY A 82 -39.60 -26.12 7.87
N LEU A 83 -39.45 -26.09 9.19
CA LEU A 83 -39.95 -24.99 9.99
C LEU A 83 -38.77 -24.16 10.47
N ARG A 84 -39.00 -22.86 10.62
CA ARG A 84 -37.95 -21.90 10.94
C ARG A 84 -38.16 -21.23 12.29
N SER A 85 -37.06 -20.73 12.84
CA SER A 85 -37.09 -20.03 14.10
C SER A 85 -37.47 -18.56 13.93
N GLY A 86 -37.43 -18.05 12.69
CA GLY A 86 -37.70 -16.66 12.39
C GLY A 86 -36.53 -15.72 12.58
N ARG A 87 -35.40 -16.20 13.09
CA ARG A 87 -34.24 -15.35 13.32
C ARG A 87 -33.37 -15.15 12.06
N GLN A 88 -34.01 -14.70 10.97
CA GLN A 88 -33.25 -14.26 9.79
C GLN A 88 -32.67 -12.85 9.95
N PRO A 89 -33.34 -11.90 10.61
CA PRO A 89 -32.63 -10.67 10.97
C PRO A 89 -31.48 -10.90 11.94
N LEU A 90 -31.47 -12.05 12.61
CA LEU A 90 -30.40 -12.42 13.53
C LEU A 90 -29.20 -12.86 12.71
N HIS A 91 -28.03 -12.36 13.08
CA HIS A 91 -26.73 -12.55 12.43
C HIS A 91 -26.86 -12.41 10.92
N PRO A 92 -27.34 -11.25 10.43
CA PRO A 92 -27.67 -11.12 9.00
C PRO A 92 -26.45 -11.12 8.10
N HIS A 93 -25.24 -11.14 8.67
CA HIS A 93 -24.03 -11.22 7.88
C HIS A 93 -23.85 -12.60 7.26
N VAL A 94 -24.43 -13.63 7.88
CA VAL A 94 -24.48 -14.99 7.34
C VAL A 94 -25.94 -15.32 6.99
N GLN A 95 -26.17 -15.88 5.81
CA GLN A 95 -27.55 -16.09 5.39
C GLN A 95 -27.67 -17.24 4.39
N LEU A 96 -28.90 -17.74 4.28
CA LEU A 96 -29.31 -18.69 3.25
C LEU A 96 -30.50 -18.08 2.51
N GLU A 97 -30.49 -18.21 1.19
CA GLU A 97 -31.60 -17.76 0.35
C GLU A 97 -32.58 -18.92 0.18
N GLU A 98 -33.83 -18.71 0.63
CA GLU A 98 -34.78 -19.83 0.66
C GLU A 98 -35.33 -20.18 -0.72
N ARG A 99 -35.16 -19.29 -1.70
CA ARG A 99 -35.48 -19.67 -3.07
C ARG A 99 -34.50 -20.73 -3.57
N GLY A 100 -33.23 -20.60 -3.18
CA GLY A 100 -32.27 -21.61 -3.56
C GLY A 100 -32.47 -22.84 -2.73
N LEU A 101 -32.93 -22.68 -1.49
CA LEU A 101 -33.19 -23.83 -0.64
C LEU A 101 -34.27 -24.72 -1.22
N GLN A 102 -35.33 -24.10 -1.77
CA GLN A 102 -36.32 -24.85 -2.52
C GLN A 102 -35.75 -25.39 -3.83
N ARG A 103 -34.75 -24.72 -4.41
CA ARG A 103 -34.15 -25.24 -5.64
C ARG A 103 -33.05 -26.27 -5.38
N GLY A 104 -32.89 -26.71 -4.13
CA GLY A 104 -31.83 -27.63 -3.78
C GLY A 104 -30.47 -26.98 -3.63
N ASP A 105 -30.45 -25.67 -3.43
CA ASP A 105 -29.23 -24.88 -3.29
C ASP A 105 -29.13 -24.45 -1.83
N PHE A 106 -28.10 -24.92 -1.14
CA PHE A 106 -27.93 -24.68 0.29
C PHE A 106 -26.68 -23.84 0.53
N SER A 107 -26.45 -22.89 -0.37
CA SER A 107 -25.23 -22.09 -0.39
C SER A 107 -25.26 -21.04 0.70
N LEU A 108 -24.08 -20.75 1.28
CA LEU A 108 -24.02 -19.77 2.35
C LEU A 108 -23.75 -18.39 1.74
N TRP A 109 -24.53 -17.40 2.15
CA TRP A 109 -24.34 -16.03 1.65
C TRP A 109 -23.75 -15.15 2.76
N LEU A 110 -22.58 -14.56 2.47
CA LEU A 110 -21.98 -13.53 3.31
C LEU A 110 -22.25 -12.19 2.63
N ARG A 111 -23.21 -11.44 3.20
CA ARG A 111 -23.65 -10.18 2.58
C ARG A 111 -22.54 -9.14 2.52
N PRO A 112 -21.87 -8.76 3.63
CA PRO A 112 -20.55 -8.16 3.44
C PRO A 112 -19.46 -9.20 3.66
N ALA A 113 -18.73 -9.58 2.61
CA ALA A 113 -17.58 -10.45 2.82
C ALA A 113 -16.54 -9.68 3.60
N LEU A 114 -16.15 -10.20 4.75
CA LEU A 114 -15.25 -9.51 5.67
C LEU A 114 -13.90 -10.21 5.69
N ARG A 115 -12.89 -9.47 6.16
CA ARG A 115 -11.55 -10.02 6.31
C ARG A 115 -11.55 -11.27 7.20
N THR A 116 -12.37 -11.27 8.25
CA THR A 116 -12.42 -12.37 9.18
C THR A 116 -13.01 -13.65 8.57
N ASP A 117 -13.70 -13.55 7.44
CA ASP A 117 -14.37 -14.69 6.87
C ASP A 117 -13.45 -15.64 6.11
N ALA A 118 -12.23 -15.22 5.78
CA ALA A 118 -11.27 -16.12 5.16
C ALA A 118 -11.00 -17.31 6.07
N GLY A 119 -10.83 -18.49 5.47
CA GLY A 119 -10.61 -19.68 6.25
C GLY A 119 -11.35 -20.86 5.64
N GLU A 120 -11.55 -21.91 6.44
CA GLU A 120 -12.08 -23.17 5.93
C GLU A 120 -13.55 -23.31 6.27
N TYR A 121 -14.34 -23.77 5.32
CA TYR A 121 -15.79 -23.92 5.50
C TYR A 121 -16.22 -25.34 5.18
N HIS A 122 -17.12 -25.88 6.02
CA HIS A 122 -17.63 -27.23 5.91
C HIS A 122 -19.15 -27.21 6.07
N ALA A 123 -19.87 -27.62 5.03
CA ALA A 123 -21.33 -27.68 5.06
C ALA A 123 -21.79 -29.13 5.08
N THR A 124 -22.82 -29.42 5.88
CA THR A 124 -23.46 -30.73 5.83
C THR A 124 -24.97 -30.53 5.72
N VAL A 125 -25.56 -31.12 4.68
CA VAL A 125 -26.99 -31.01 4.37
C VAL A 125 -27.62 -32.37 4.60
N ARG A 126 -28.74 -32.37 5.32
CA ARG A 126 -29.48 -33.53 5.79
C ARG A 126 -30.87 -33.54 5.16
N LEU A 127 -31.08 -34.49 4.26
CA LEU A 127 -32.38 -34.83 3.70
C LEU A 127 -32.83 -36.18 4.27
N PRO A 128 -34.08 -36.60 4.03
CA PRO A 128 -34.52 -37.87 4.65
C PRO A 128 -33.70 -39.08 4.27
N ASN A 129 -33.43 -39.27 2.98
CA ASN A 129 -32.70 -40.43 2.51
C ASN A 129 -31.34 -40.09 1.92
N ARG A 130 -31.00 -38.79 1.82
CA ARG A 130 -29.75 -38.38 1.21
C ARG A 130 -28.98 -37.51 2.20
N ALA A 131 -27.67 -37.51 2.06
CA ALA A 131 -26.78 -36.63 2.82
C ALA A 131 -25.78 -36.00 1.87
N LEU A 132 -25.31 -34.81 2.23
CA LEU A 132 -24.31 -34.14 1.41
C LEU A 132 -23.34 -33.41 2.32
N SER A 133 -22.08 -33.33 1.89
CA SER A 133 -21.08 -32.53 2.57
C SER A 133 -20.34 -31.71 1.53
N CYS A 134 -19.91 -30.52 1.95
CA CYS A 134 -19.19 -29.57 1.13
C CYS A 134 -17.99 -29.05 1.91
N SER A 135 -16.87 -28.87 1.23
CA SER A 135 -15.68 -28.34 1.87
C SER A 135 -15.04 -27.34 0.92
N LEU A 136 -14.76 -26.14 1.43
CA LEU A 136 -14.19 -25.06 0.62
C LEU A 136 -13.20 -24.28 1.46
N ARG A 137 -12.25 -23.63 0.78
CA ARG A 137 -11.42 -22.61 1.38
C ARG A 137 -11.76 -21.25 0.79
N LEU A 138 -12.07 -20.28 1.64
CA LEU A 138 -12.38 -18.93 1.22
C LEU A 138 -11.18 -18.03 1.47
N ARG A 139 -10.73 -17.35 0.42
CA ARG A 139 -9.77 -16.27 0.54
C ARG A 139 -10.46 -14.97 0.15
N VAL A 140 -10.17 -13.91 0.90
CA VAL A 140 -10.80 -12.61 0.69
C VAL A 140 -9.70 -11.62 0.33
N GLY A 141 -9.92 -10.88 -0.76
CA GLY A 141 -8.98 -9.88 -1.22
C GLY A 141 -9.56 -8.49 -1.09
N GLN A 142 -8.72 -7.51 -1.38
CA GLN A 142 -9.10 -6.11 -1.30
C GLN A 142 -9.08 -5.50 -2.68
N ALA A 143 -10.17 -4.83 -3.03
CA ALA A 143 -10.32 -4.13 -4.29
C ALA A 143 -10.23 -2.63 -4.07
N SER A 144 -9.66 -1.92 -5.04
CA SER A 144 -9.66 -0.47 -4.99
C SER A 144 -9.44 0.10 -6.38
N MET A 145 -10.13 1.22 -6.65
CA MET A 145 -9.85 2.06 -7.80
C MET A 145 -8.78 3.08 -7.41
N ILE A 146 -7.59 2.93 -7.97
CA ILE A 146 -6.50 3.86 -7.69
C ILE A 146 -6.52 4.95 -8.75
N ALA A 147 -6.63 6.20 -8.32
CA ALA A 147 -6.74 7.33 -9.22
C ALA A 147 -5.49 8.20 -9.13
N SER A 148 -4.87 8.49 -10.27
CA SER A 148 -3.74 9.40 -10.31
C SER A 148 -4.02 10.53 -11.30
N PRO A 149 -4.09 11.80 -10.86
CA PRO A 149 -4.06 12.24 -9.45
C PRO A 149 -5.37 11.88 -8.74
N SER A 150 -5.34 11.77 -7.42
CA SER A 150 -6.45 11.19 -6.66
C SER A 150 -7.46 12.21 -6.16
N GLY A 151 -7.29 13.49 -6.45
CA GLY A 151 -8.20 14.51 -5.98
C GLY A 151 -9.31 14.79 -6.97
N VAL A 152 -9.97 15.92 -6.76
CA VAL A 152 -10.95 16.41 -7.71
C VAL A 152 -10.20 17.05 -8.87
N LEU A 153 -10.71 16.89 -10.07
CA LEU A 153 -9.95 17.26 -11.24
C LEU A 153 -10.56 18.51 -11.86
N LYS A 154 -9.75 19.19 -12.66
CA LYS A 154 -10.21 20.31 -13.44
C LYS A 154 -10.52 19.82 -14.84
N LEU A 155 -11.49 20.48 -15.48
CA LEU A 155 -11.84 20.16 -16.86
C LEU A 155 -10.60 20.21 -17.73
N SER A 156 -10.44 19.16 -18.56
CA SER A 156 -9.37 18.92 -19.53
C SER A 156 -8.08 18.38 -18.93
N ASP A 157 -8.02 18.11 -17.64
CA ASP A 157 -6.87 17.39 -17.09
C ASP A 157 -6.90 15.94 -17.59
N TRP A 158 -5.78 15.25 -17.43
CA TRP A 158 -5.75 13.82 -17.65
C TRP A 158 -5.86 13.09 -16.31
N VAL A 159 -6.29 11.84 -16.36
CA VAL A 159 -6.39 11.04 -15.15
C VAL A 159 -6.22 9.57 -15.52
N LEU A 160 -5.55 8.83 -14.65
CA LEU A 160 -5.38 7.39 -14.83
C LEU A 160 -6.07 6.64 -13.70
N LEU A 161 -6.91 5.68 -14.07
CA LEU A 161 -7.61 4.82 -13.11
C LEU A 161 -7.04 3.42 -13.21
N ASN A 162 -6.75 2.83 -12.05
CA ASN A 162 -6.31 1.44 -11.97
C ASN A 162 -7.37 0.63 -11.25
N CYS A 163 -7.87 -0.40 -11.91
CA CYS A 163 -8.79 -1.37 -11.34
C CYS A 163 -7.95 -2.43 -10.64
N SER A 164 -7.68 -2.27 -9.35
CA SER A 164 -6.74 -3.14 -8.68
C SER A 164 -7.45 -4.06 -7.70
N PHE A 165 -6.92 -5.28 -7.59
CA PHE A 165 -7.38 -6.28 -6.65
C PHE A 165 -6.17 -7.03 -6.11
N SER A 166 -6.20 -7.38 -4.83
CA SER A 166 -5.04 -7.91 -4.12
C SER A 166 -4.76 -9.39 -4.42
N ARG A 167 -5.53 -10.02 -5.30
CA ARG A 167 -5.30 -11.42 -5.63
C ARG A 167 -3.95 -11.58 -6.32
N PRO A 168 -3.18 -12.64 -6.00
CA PRO A 168 -1.83 -12.76 -6.59
C PRO A 168 -1.84 -13.00 -8.08
N ASP A 169 -2.72 -13.84 -8.61
CA ASP A 169 -2.64 -14.09 -10.04
C ASP A 169 -3.25 -12.92 -10.80
N ARG A 170 -2.88 -12.82 -12.07
CA ARG A 170 -3.36 -11.65 -12.80
C ARG A 170 -4.66 -11.98 -13.51
N PRO A 171 -5.62 -11.04 -13.54
CA PRO A 171 -6.91 -11.34 -14.15
C PRO A 171 -6.79 -11.59 -15.65
N VAL A 172 -7.73 -12.37 -16.16
CA VAL A 172 -7.70 -12.71 -17.57
C VAL A 172 -8.45 -11.67 -18.42
N SER A 173 -9.42 -10.95 -17.85
CA SER A 173 -10.05 -9.90 -18.63
C SER A 173 -10.45 -8.73 -17.74
N VAL A 174 -10.52 -7.55 -18.35
CA VAL A 174 -10.88 -6.30 -17.68
C VAL A 174 -11.92 -5.59 -18.53
N HIS A 175 -13.04 -5.21 -17.91
CA HIS A 175 -14.11 -4.48 -18.59
C HIS A 175 -14.40 -3.17 -17.89
N TRP A 176 -14.56 -2.09 -18.67
CA TRP A 176 -14.82 -0.77 -18.12
C TRP A 176 -16.21 -0.28 -18.51
N PHE A 177 -16.84 0.45 -17.59
CA PHE A 177 -18.21 0.93 -17.75
C PHE A 177 -18.28 2.36 -17.24
N GLN A 178 -19.24 3.11 -17.76
CA GLN A 178 -19.34 4.54 -17.47
C GLN A 178 -20.80 4.93 -17.22
N GLY A 179 -21.01 5.72 -16.18
CA GLY A 179 -22.32 6.29 -15.89
C GLY A 179 -23.17 5.40 -15.02
N GLN A 180 -24.30 5.98 -14.57
CA GLN A 180 -25.33 5.22 -13.87
C GLN A 180 -25.83 4.05 -14.71
N ASN A 181 -25.96 4.26 -16.02
CA ASN A 181 -26.52 3.22 -16.87
C ASN A 181 -25.47 2.23 -17.36
N ARG A 182 -24.23 2.35 -16.89
CA ARG A 182 -23.18 1.35 -17.08
C ARG A 182 -22.91 1.07 -18.57
N VAL A 183 -22.65 2.13 -19.32
CA VAL A 183 -22.36 2.01 -20.75
C VAL A 183 -20.92 1.50 -20.91
N PRO A 184 -20.69 0.47 -21.73
CA PRO A 184 -19.32 -0.05 -21.90
C PRO A 184 -18.37 0.97 -22.52
N VAL A 185 -17.12 0.89 -22.09
CA VAL A 185 -16.05 1.80 -22.51
C VAL A 185 -14.99 0.97 -23.22
N TYR A 186 -14.69 1.34 -24.48
CA TYR A 186 -13.72 0.63 -25.29
C TYR A 186 -12.55 1.56 -25.62
N ASN A 187 -11.45 0.96 -26.08
CA ASN A 187 -10.26 1.70 -26.49
C ASN A 187 -10.58 2.71 -27.59
N SER A 188 -10.25 3.98 -27.35
CA SER A 188 -10.60 5.07 -28.25
C SER A 188 -9.66 6.22 -27.98
N PRO A 189 -9.68 7.27 -28.82
CA PRO A 189 -8.91 8.49 -28.51
C PRO A 189 -9.22 9.12 -27.17
N ARG A 190 -10.47 9.05 -26.69
CA ARG A 190 -10.82 9.71 -25.44
C ARG A 190 -10.71 8.79 -24.22
N HIS A 191 -10.48 7.49 -24.41
CA HIS A 191 -10.25 6.60 -23.28
C HIS A 191 -9.36 5.45 -23.74
N PHE A 192 -8.13 5.42 -23.21
CA PHE A 192 -7.14 4.40 -23.56
C PHE A 192 -7.14 3.29 -22.51
N LEU A 193 -7.31 2.06 -22.95
CA LEU A 193 -7.32 0.91 -22.05
C LEU A 193 -6.01 0.15 -22.21
N ALA A 194 -5.36 -0.17 -21.09
CA ALA A 194 -4.19 -1.04 -21.12
C ALA A 194 -4.09 -1.79 -19.80
N GLU A 195 -4.00 -3.12 -19.88
CA GLU A 195 -4.05 -4.02 -18.73
C GLU A 195 -5.23 -3.70 -17.82
N THR A 196 -4.96 -3.31 -16.58
CA THR A 196 -6.01 -2.95 -15.63
C THR A 196 -6.25 -1.45 -15.56
N PHE A 197 -5.70 -0.68 -16.50
CA PHE A 197 -5.69 0.77 -16.45
C PHE A 197 -6.58 1.38 -17.51
N LEU A 198 -7.20 2.49 -17.14
CA LEU A 198 -7.98 3.35 -18.05
C LEU A 198 -7.43 4.76 -17.95
N LEU A 199 -6.90 5.28 -19.04
CA LEU A 199 -6.39 6.65 -19.11
C LEU A 199 -7.40 7.53 -19.84
N LEU A 200 -7.83 8.61 -19.17
CA LEU A 200 -8.64 9.65 -19.78
C LEU A 200 -7.74 10.85 -20.04
N PRO A 201 -7.32 11.09 -21.30
CA PRO A 201 -6.37 12.17 -21.57
C PRO A 201 -6.94 13.57 -21.33
N GLN A 202 -8.24 13.77 -21.49
CA GLN A 202 -8.84 15.10 -21.35
C GLN A 202 -10.25 14.93 -20.78
N VAL A 203 -10.41 15.24 -19.50
CA VAL A 203 -11.72 15.09 -18.87
C VAL A 203 -12.62 16.24 -19.31
N SER A 204 -13.90 15.94 -19.41
CA SER A 204 -14.94 16.88 -19.80
C SER A 204 -16.09 16.71 -18.81
N PRO A 205 -17.08 17.62 -18.84
CA PRO A 205 -18.23 17.44 -17.94
C PRO A 205 -19.00 16.15 -18.15
N LEU A 206 -18.93 15.56 -19.35
CA LEU A 206 -19.60 14.29 -19.59
C LEU A 206 -18.88 13.14 -18.90
N ASP A 207 -17.63 13.35 -18.47
CA ASP A 207 -16.88 12.35 -17.72
C ASP A 207 -17.17 12.39 -16.23
N SER A 208 -17.83 13.44 -15.74
CA SER A 208 -18.19 13.52 -14.33
C SER A 208 -19.19 12.43 -13.98
N GLY A 209 -19.00 11.81 -12.83
CA GLY A 209 -19.93 10.79 -12.41
C GLY A 209 -19.27 9.46 -12.13
N THR A 210 -20.06 8.40 -12.06
CA THR A 210 -19.53 7.10 -11.69
C THR A 210 -18.90 6.39 -12.88
N TRP A 211 -17.79 5.71 -12.60
CA TRP A 211 -17.11 4.82 -13.52
C TRP A 211 -16.98 3.47 -12.82
N GLY A 212 -16.87 2.41 -13.59
CA GLY A 212 -16.80 1.09 -13.01
C GLY A 212 -15.90 0.18 -13.82
N CYS A 213 -15.40 -0.84 -13.15
CA CYS A 213 -14.59 -1.85 -13.80
C CYS A 213 -14.92 -3.22 -13.23
N VAL A 214 -14.76 -4.24 -14.06
CA VAL A 214 -14.92 -5.63 -13.67
C VAL A 214 -13.65 -6.37 -14.07
N LEU A 215 -13.01 -6.98 -13.08
CA LEU A 215 -11.89 -7.90 -13.29
C LEU A 215 -12.45 -9.31 -13.31
N THR A 216 -12.04 -10.09 -14.30
CA THR A 216 -12.44 -11.49 -14.41
C THR A 216 -11.18 -12.35 -14.41
N TYR A 217 -11.17 -13.32 -13.50
CA TYR A 217 -10.06 -14.24 -13.28
C TYR A 217 -10.35 -15.59 -13.93
N ARG A 218 -9.31 -16.43 -13.98
CA ARG A 218 -9.39 -17.68 -14.74
C ARG A 218 -10.43 -18.65 -14.20
N ASP A 219 -10.80 -18.54 -12.93
CA ASP A 219 -11.82 -19.41 -12.35
C ASP A 219 -13.23 -18.87 -12.51
N GLY A 220 -13.41 -17.71 -13.13
CA GLY A 220 -14.72 -17.09 -13.24
C GLY A 220 -15.02 -16.08 -12.16
N PHE A 221 -14.13 -15.90 -11.19
CA PHE A 221 -14.33 -14.94 -10.12
C PHE A 221 -14.34 -13.52 -10.68
N ASN A 222 -15.28 -12.71 -10.21
CA ASN A 222 -15.45 -11.35 -10.69
C ASN A 222 -15.27 -10.34 -9.57
N VAL A 223 -14.61 -9.24 -9.90
CA VAL A 223 -14.38 -8.12 -8.99
C VAL A 223 -14.99 -6.90 -9.65
N SER A 224 -15.91 -6.25 -8.97
CA SER A 224 -16.51 -5.02 -9.48
C SER A 224 -16.13 -3.85 -8.59
N ILE A 225 -15.59 -2.81 -9.20
CA ILE A 225 -15.14 -1.61 -8.49
C ILE A 225 -15.81 -0.42 -9.14
N THR A 226 -16.38 0.47 -8.32
CA THR A 226 -16.93 1.72 -8.79
C THR A 226 -16.14 2.88 -8.21
N TYR A 227 -16.22 4.01 -8.90
CA TYR A 227 -15.44 5.19 -8.55
C TYR A 227 -16.19 6.42 -9.00
N ASN A 228 -16.21 7.46 -8.18
CA ASN A 228 -16.93 8.68 -8.49
C ASN A 228 -15.91 9.74 -8.89
N LEU A 229 -15.88 10.08 -10.18
CA LEU A 229 -15.00 11.11 -10.68
C LEU A 229 -15.70 12.45 -10.54
N LYS A 230 -15.00 13.42 -9.96
CA LYS A 230 -15.52 14.77 -9.76
C LYS A 230 -14.61 15.73 -10.52
N VAL A 231 -15.19 16.49 -11.44
CA VAL A 231 -14.45 17.36 -12.34
C VAL A 231 -15.16 18.70 -12.43
N LEU A 232 -14.41 19.79 -12.32
CA LEU A 232 -14.99 21.12 -12.37
C LEU A 232 -15.06 21.61 -13.81
N LYS B 5 5.88 20.04 23.70
CA LYS B 5 5.97 19.78 22.26
C LYS B 5 6.77 18.52 21.99
N GLU B 6 6.60 17.96 20.79
CA GLU B 6 7.15 16.65 20.45
C GLU B 6 8.55 16.78 19.88
N LEU B 7 9.12 15.64 19.48
CA LEU B 7 10.48 15.62 18.95
C LEU B 7 10.48 16.00 17.48
N PRO B 8 11.49 16.75 17.03
CA PRO B 8 11.65 16.99 15.59
C PRO B 8 11.90 15.69 14.85
N VAL B 9 11.28 15.58 13.67
CA VAL B 9 11.36 14.38 12.86
C VAL B 9 12.42 14.59 11.78
N VAL B 10 13.29 13.60 11.62
CA VAL B 10 14.27 13.52 10.55
C VAL B 10 13.92 12.31 9.71
N TRP B 11 13.80 12.52 8.39
CA TRP B 11 13.46 11.45 7.48
C TRP B 11 14.72 10.92 6.80
N ALA B 12 14.72 9.62 6.54
CA ALA B 12 15.79 8.93 5.85
C ALA B 12 15.21 8.08 4.74
N GLN B 13 16.01 7.87 3.71
CA GLN B 13 15.69 6.94 2.65
C GLN B 13 16.47 5.66 2.88
N GLU B 14 15.78 4.52 2.89
CA GLU B 14 16.42 3.25 3.16
C GLU B 14 17.47 2.95 2.09
N GLY B 15 18.68 2.59 2.55
CA GLY B 15 19.80 2.36 1.66
C GLY B 15 20.69 3.57 1.44
N ALA B 16 20.25 4.76 1.81
CA ALA B 16 21.02 5.97 1.62
C ALA B 16 21.52 6.49 2.96
N PRO B 17 22.69 7.15 3.01
CA PRO B 17 23.17 7.71 4.27
C PRO B 17 22.23 8.77 4.81
N VAL B 18 22.23 8.93 6.12
CA VAL B 18 21.43 9.97 6.75
C VAL B 18 22.26 10.65 7.83
N HIS B 19 21.96 11.92 8.05
CA HIS B 19 22.69 12.77 8.98
C HIS B 19 21.71 13.25 10.04
N LEU B 20 22.01 12.94 11.30
CA LEU B 20 21.21 13.32 12.45
C LEU B 20 21.89 14.49 13.13
N PRO B 21 21.33 15.70 13.06
CA PRO B 21 22.06 16.91 13.45
C PRO B 21 22.11 17.11 14.96
N CYS B 22 23.30 17.43 15.46
CA CYS B 22 23.47 17.92 16.82
C CYS B 22 24.73 18.79 16.81
N SER B 23 24.52 20.10 16.81
CA SER B 23 25.59 21.06 16.54
C SER B 23 25.46 22.27 17.43
N LEU B 24 26.59 22.74 17.97
CA LEU B 24 26.57 24.08 18.53
C LEU B 24 26.48 25.06 17.38
N LYS B 25 25.40 25.85 17.35
CA LYS B 25 25.21 26.76 16.23
C LYS B 25 26.05 28.02 16.36
N SER B 26 26.48 28.35 17.58
CA SER B 26 27.30 29.53 17.83
C SER B 26 28.62 29.15 18.49
N PRO B 27 29.45 28.32 17.84
CA PRO B 27 30.73 27.97 18.45
C PRO B 27 31.65 29.17 18.37
N ASN B 28 32.17 29.60 19.52
CA ASN B 28 32.99 30.81 19.51
C ASN B 28 34.43 30.38 19.29
N LEU B 29 34.70 30.09 18.01
CA LEU B 29 35.97 29.58 17.50
C LEU B 29 36.50 28.56 18.48
N ASP B 30 37.66 28.86 19.06
CA ASP B 30 38.26 28.05 20.12
C ASP B 30 38.28 26.55 19.79
N PRO B 31 38.94 26.17 18.64
CA PRO B 31 39.00 24.74 18.30
C PRO B 31 39.63 23.93 19.40
N ASN B 32 40.48 24.54 20.25
CA ASN B 32 41.10 23.87 21.38
C ASN B 32 40.16 23.71 22.58
N PHE B 33 39.06 24.47 22.65
CA PHE B 33 38.07 24.16 23.69
C PHE B 33 37.15 23.05 23.23
N LEU B 34 36.71 23.13 21.97
CA LEU B 34 35.74 22.18 21.41
C LEU B 34 36.37 20.87 20.93
N ARG B 35 37.70 20.82 20.84
CA ARG B 35 38.41 19.54 20.74
C ARG B 35 37.97 18.56 21.81
N ARG B 36 37.83 19.10 23.00
CA ARG B 36 37.67 18.38 24.25
C ARG B 36 36.25 17.92 24.52
N GLY B 37 35.34 18.15 23.58
CA GLY B 37 33.99 17.64 23.74
C GLY B 37 33.88 16.15 23.42
N GLY B 38 32.90 15.54 24.08
CA GLY B 38 32.58 14.14 23.85
C GLY B 38 31.09 13.95 23.85
N VAL B 39 30.63 12.88 23.21
CA VAL B 39 29.19 12.69 23.13
C VAL B 39 28.84 11.21 23.21
N ILE B 40 27.65 10.95 23.76
CA ILE B 40 27.02 9.64 23.83
C ILE B 40 25.75 9.75 23.00
N TRP B 41 25.61 8.88 22.01
CA TRP B 41 24.40 8.76 21.20
C TRP B 41 23.72 7.46 21.57
N GLN B 42 22.46 7.56 22.01
CA GLN B 42 21.61 6.45 22.38
C GLN B 42 20.40 6.38 21.43
N HIS B 43 19.94 5.16 21.20
CA HIS B 43 18.85 4.87 20.27
C HIS B 43 17.74 4.14 21.00
N GLN B 44 16.54 4.72 20.99
CA GLN B 44 15.30 4.10 21.46
C GLN B 44 14.51 3.55 20.28
N PRO B 45 14.60 2.25 19.97
CA PRO B 45 13.81 1.68 18.87
C PRO B 45 12.33 1.58 19.23
N ASP B 46 11.52 1.38 18.19
CA ASP B 46 10.06 1.30 18.34
C ASP B 46 9.67 -0.06 18.92
N SER B 47 9.12 -0.05 20.14
CA SER B 47 8.54 -1.24 20.73
C SER B 47 7.33 -1.73 19.91
N GLY B 48 6.59 -0.78 19.33
CA GLY B 48 5.32 -1.07 18.73
C GLY B 48 4.13 -0.86 19.65
N GLN B 49 4.37 -0.49 20.90
CA GLN B 49 3.35 -0.30 21.93
C GLN B 49 2.48 -1.54 22.12
N PRO B 65 -2.17 -2.47 29.90
CA PRO B 65 -1.40 -1.26 30.18
C PRO B 65 -0.39 -1.47 31.30
N ARG B 66 -0.08 -0.43 32.07
CA ARG B 66 1.01 -0.46 33.05
C ARG B 66 2.28 -0.91 32.33
N GLN B 67 2.60 -0.20 31.26
CA GLN B 67 3.65 -0.63 30.37
C GLN B 67 5.03 -0.31 30.95
N PRO B 68 6.04 -1.09 30.60
CA PRO B 68 7.42 -0.69 30.91
C PRO B 68 7.84 0.49 30.06
N ALA B 69 8.87 1.18 30.52
CA ALA B 69 9.42 2.29 29.76
C ALA B 69 10.20 1.78 28.56
N PRO B 70 10.23 2.55 27.47
CA PRO B 70 11.01 2.12 26.29
C PRO B 70 12.50 2.04 26.59
N GLY B 71 13.14 1.05 25.99
CA GLY B 71 14.56 0.84 26.23
C GLY B 71 15.44 1.74 25.39
N ARG B 72 16.61 2.05 25.94
CA ARG B 72 17.61 2.89 25.28
C ARG B 72 18.97 2.21 25.38
N TYR B 73 19.65 2.10 24.25
CA TYR B 73 21.00 1.57 24.23
C TYR B 73 21.91 2.52 23.46
N THR B 74 23.20 2.49 23.82
CA THR B 74 24.19 3.40 23.26
C THR B 74 24.68 2.88 21.93
N VAL B 75 24.52 3.68 20.87
CA VAL B 75 25.02 3.33 19.55
C VAL B 75 26.35 4.00 19.23
N LEU B 76 26.69 5.09 19.92
CA LEU B 76 28.03 5.61 19.73
C LEU B 76 28.49 6.37 20.96
N SER B 77 29.78 6.24 21.27
CA SER B 77 30.38 6.92 22.41
C SER B 77 31.76 7.37 22.00
N VAL B 78 31.99 8.68 21.96
CA VAL B 78 33.35 9.21 21.79
C VAL B 78 33.68 10.08 23.01
N ALA B 79 34.89 9.88 23.53
CA ALA B 79 35.29 10.43 24.81
C ALA B 79 35.68 11.90 24.71
N PRO B 80 35.20 12.75 25.62
CA PRO B 80 35.68 14.13 25.71
C PRO B 80 37.11 14.17 26.25
N GLY B 81 37.77 15.30 26.01
CA GLY B 81 39.15 15.48 26.45
C GLY B 81 40.13 15.74 25.34
N GLY B 82 39.75 15.52 24.08
CA GLY B 82 40.60 15.73 22.93
C GLY B 82 41.33 14.50 22.45
N LEU B 83 41.14 13.37 23.11
CA LEU B 83 41.76 12.10 22.74
C LEU B 83 40.71 11.07 22.33
N ARG B 84 41.18 10.08 21.59
CA ARG B 84 40.44 8.85 21.37
C ARG B 84 41.22 7.75 22.08
N SER B 85 40.50 6.79 22.64
CA SER B 85 41.10 5.78 23.49
C SER B 85 41.66 4.57 22.75
N GLY B 86 41.43 4.46 21.45
CA GLY B 86 41.73 3.24 20.76
C GLY B 86 40.57 2.27 20.75
N ARG B 87 39.44 2.64 21.35
CA ARG B 87 38.26 1.79 21.33
C ARG B 87 37.67 1.87 19.92
N GLN B 88 37.44 0.71 19.31
CA GLN B 88 36.82 0.68 18.02
C GLN B 88 35.33 0.99 18.16
N PRO B 89 34.67 1.40 17.07
CA PRO B 89 33.22 1.63 17.12
C PRO B 89 32.45 0.37 17.48
N LEU B 90 31.38 0.55 18.26
CA LEU B 90 30.52 -0.56 18.64
C LEU B 90 29.59 -0.97 17.52
N HIS B 91 29.16 -0.01 16.70
CA HIS B 91 28.19 -0.22 15.62
C HIS B 91 28.77 0.48 14.39
N PRO B 92 29.56 -0.23 13.58
CA PRO B 92 30.39 0.46 12.57
C PRO B 92 29.62 1.15 11.44
N HIS B 93 28.33 0.87 11.24
CA HIS B 93 27.55 1.62 10.27
C HIS B 93 27.11 2.98 10.81
N VAL B 94 27.24 3.18 12.12
CA VAL B 94 26.96 4.44 12.79
C VAL B 94 28.29 5.14 13.01
N GLN B 95 28.34 6.45 12.74
CA GLN B 95 29.64 7.10 12.61
C GLN B 95 29.55 8.56 13.06
N LEU B 96 30.72 9.11 13.38
CA LEU B 96 30.91 10.52 13.69
C LEU B 96 32.00 11.08 12.79
N GLU B 97 31.80 12.30 12.30
CA GLU B 97 32.82 12.98 11.50
C GLU B 97 33.76 13.70 12.47
N GLU B 98 35.00 13.25 12.58
CA GLU B 98 35.85 13.80 13.63
C GLU B 98 36.40 15.18 13.26
N ARG B 99 36.27 15.57 11.99
CA ARG B 99 36.57 16.95 11.60
C ARG B 99 35.60 17.94 12.21
N GLY B 100 34.36 17.52 12.44
CA GLY B 100 33.34 18.42 12.97
C GLY B 100 33.47 18.78 14.43
N LEU B 101 34.09 17.91 15.25
CA LEU B 101 34.19 18.16 16.69
C LEU B 101 34.94 19.44 17.00
N GLN B 102 35.94 19.79 16.18
CA GLN B 102 36.62 21.06 16.35
C GLN B 102 35.67 22.25 16.16
N ARG B 103 34.68 22.10 15.29
CA ARG B 103 33.68 23.12 15.05
C ARG B 103 32.44 22.99 15.94
N GLY B 104 32.44 22.07 16.90
CA GLY B 104 31.25 21.87 17.71
C GLY B 104 30.17 21.04 17.07
N ASP B 105 30.52 20.15 16.15
CA ASP B 105 29.56 19.32 15.43
C ASP B 105 29.62 17.89 15.97
N PHE B 106 28.52 17.45 16.59
CA PHE B 106 28.43 16.13 17.21
C PHE B 106 27.35 15.30 16.52
N SER B 107 27.18 15.51 15.22
CA SER B 107 26.09 14.89 14.48
C SER B 107 26.41 13.44 14.13
N LEU B 108 25.36 12.61 14.12
CA LEU B 108 25.50 11.19 13.83
C LEU B 108 25.26 10.90 12.35
N TRP B 109 26.12 10.09 11.75
CA TRP B 109 25.93 9.64 10.38
C TRP B 109 25.57 8.17 10.41
N LEU B 110 24.42 7.82 9.82
CA LEU B 110 24.04 6.43 9.63
C LEU B 110 24.39 6.13 8.17
N ARG B 111 25.49 5.39 7.98
CA ARG B 111 26.05 5.18 6.64
C ARG B 111 25.08 4.45 5.71
N PRO B 112 24.59 3.23 6.02
CA PRO B 112 23.31 2.83 5.41
C PRO B 112 22.17 3.02 6.39
N ALA B 113 21.25 3.95 6.11
CA ALA B 113 20.06 4.04 6.94
C ALA B 113 19.21 2.80 6.71
N LEU B 114 18.92 2.07 7.79
CA LEU B 114 18.20 0.82 7.71
C LEU B 114 16.80 1.00 8.30
N ARG B 115 15.90 0.09 7.93
CA ARG B 115 14.55 0.10 8.48
C ARG B 115 14.58 0.01 10.00
N THR B 116 15.47 -0.83 10.54
CA THR B 116 15.60 -1.01 11.98
C THR B 116 16.17 0.21 12.69
N ASP B 117 16.72 1.18 11.94
CA ASP B 117 17.31 2.38 12.54
C ASP B 117 16.25 3.37 13.00
N ALA B 118 15.01 3.22 12.54
CA ALA B 118 13.93 4.11 12.94
C ALA B 118 13.73 4.10 14.45
N GLY B 119 13.39 5.26 14.99
CA GLY B 119 13.18 5.40 16.41
C GLY B 119 13.74 6.71 16.89
N GLU B 120 13.94 6.83 18.19
CA GLU B 120 14.35 8.09 18.78
C GLU B 120 15.86 8.07 19.02
N TYR B 121 16.50 9.21 18.80
CA TYR B 121 17.93 9.33 19.03
C TYR B 121 18.15 10.47 20.02
N HIS B 122 19.02 10.19 21.00
CA HIS B 122 19.27 11.12 22.08
C HIS B 122 20.78 11.25 22.24
N ALA B 123 21.27 12.47 22.07
CA ALA B 123 22.67 12.78 22.22
C ALA B 123 22.87 13.55 23.51
N THR B 124 23.92 13.19 24.24
CA THR B 124 24.36 13.93 25.41
C THR B 124 25.81 14.29 25.16
N VAL B 125 26.10 15.58 25.12
CA VAL B 125 27.42 16.11 24.82
C VAL B 125 27.96 16.74 26.08
N ARG B 126 29.19 16.37 26.43
CA ARG B 126 29.88 16.84 27.62
C ARG B 126 31.08 17.62 27.13
N LEU B 127 31.05 18.92 27.38
CA LEU B 127 32.13 19.85 27.19
C LEU B 127 32.72 20.19 28.55
N PRO B 128 33.85 20.92 28.61
CA PRO B 128 34.47 21.18 29.93
C PRO B 128 33.56 21.81 30.97
N ASN B 129 32.70 22.76 30.59
CA ASN B 129 31.92 23.48 31.59
C ASN B 129 30.46 23.06 31.66
N ARG B 130 29.93 22.38 30.65
CA ARG B 130 28.50 22.10 30.60
C ARG B 130 28.24 20.80 29.85
N ALA B 131 27.00 20.34 29.97
CA ALA B 131 26.49 19.25 29.15
C ALA B 131 25.21 19.73 28.50
N LEU B 132 24.93 19.21 27.30
CA LEU B 132 23.77 19.59 26.52
C LEU B 132 23.23 18.37 25.81
N SER B 133 21.95 18.41 25.45
CA SER B 133 21.30 17.27 24.82
C SER B 133 20.63 17.64 23.50
N CYS B 134 20.51 16.63 22.65
CA CYS B 134 19.85 16.72 21.35
C CYS B 134 18.88 15.54 21.27
N SER B 135 17.69 15.79 20.72
CA SER B 135 16.68 14.74 20.65
C SER B 135 15.97 14.78 19.30
N LEU B 136 15.86 13.63 18.66
CA LEU B 136 15.25 13.52 17.34
C LEU B 136 14.43 12.23 17.26
N ARG B 137 13.45 12.23 16.37
CA ARG B 137 12.81 10.99 15.92
C ARG B 137 13.20 10.77 14.47
N LEU B 138 13.77 9.60 14.17
CA LEU B 138 14.15 9.23 12.82
C LEU B 138 13.11 8.27 12.25
N ARG B 139 12.57 8.63 11.10
CA ARG B 139 11.70 7.76 10.32
C ARG B 139 12.40 7.38 9.03
N VAL B 140 12.22 6.12 8.61
CA VAL B 140 12.88 5.58 7.42
C VAL B 140 11.81 5.20 6.41
N GLY B 141 11.93 5.71 5.19
CA GLY B 141 10.99 5.43 4.13
C GLY B 141 11.64 4.74 2.94
N GLN B 142 10.79 4.35 1.99
CA GLN B 142 11.18 3.65 0.78
C GLN B 142 10.82 4.51 -0.44
N ALA B 143 11.76 4.62 -1.37
CA ALA B 143 11.55 5.33 -2.61
C ALA B 143 11.35 4.36 -3.77
N SER B 144 10.51 4.76 -4.73
CA SER B 144 10.34 3.95 -5.94
C SER B 144 9.73 4.79 -7.06
N MET B 145 10.16 4.50 -8.28
CA MET B 145 9.48 4.97 -9.48
C MET B 145 8.42 3.93 -9.84
N ILE B 146 7.15 4.31 -9.71
CA ILE B 146 6.04 3.42 -10.05
C ILE B 146 5.66 3.70 -11.50
N ALA B 147 5.68 2.66 -12.32
CA ALA B 147 5.38 2.77 -13.74
C ALA B 147 4.06 2.07 -14.04
N SER B 148 3.15 2.80 -14.70
CA SER B 148 1.86 2.30 -15.13
C SER B 148 1.70 2.52 -16.62
N PRO B 149 1.35 1.50 -17.41
CA PRO B 149 1.04 0.11 -17.06
C PRO B 149 2.24 -0.70 -16.61
N SER B 150 3.43 -0.33 -17.06
CA SER B 150 4.63 -1.14 -16.87
C SER B 150 5.83 -0.35 -17.35
N GLY B 151 7.01 -0.92 -17.15
CA GLY B 151 8.25 -0.30 -17.56
C GLY B 151 8.70 -0.75 -18.94
N VAL B 152 8.48 -2.02 -19.26
CA VAL B 152 8.74 -2.53 -20.61
C VAL B 152 7.54 -2.20 -21.48
N LEU B 153 7.75 -1.41 -22.53
CA LEU B 153 6.68 -0.87 -23.34
C LEU B 153 6.91 -1.21 -24.81
N LYS B 154 5.84 -1.09 -25.58
CA LYS B 154 5.87 -1.17 -27.03
C LYS B 154 5.92 0.23 -27.61
N LEU B 155 6.51 0.35 -28.79
CA LEU B 155 6.56 1.62 -29.50
C LEU B 155 5.16 2.22 -29.64
N SER B 156 5.05 3.50 -29.27
CA SER B 156 3.86 4.37 -29.28
C SER B 156 2.90 4.13 -28.10
N ASP B 157 3.25 3.27 -27.15
CA ASP B 157 2.43 3.16 -25.94
C ASP B 157 2.55 4.43 -25.10
N TRP B 158 1.62 4.59 -24.17
CA TRP B 158 1.69 5.63 -23.15
C TRP B 158 2.18 5.04 -21.84
N VAL B 159 2.70 5.91 -20.98
CA VAL B 159 3.15 5.46 -19.66
C VAL B 159 3.07 6.62 -18.68
N LEU B 160 2.71 6.30 -17.44
CA LEU B 160 2.68 7.24 -16.34
C LEU B 160 3.71 6.82 -15.31
N LEU B 161 4.58 7.74 -14.93
CA LEU B 161 5.59 7.49 -13.91
C LEU B 161 5.24 8.32 -12.68
N ASN B 162 5.28 7.68 -11.52
CA ASN B 162 5.11 8.36 -10.25
C ASN B 162 6.42 8.27 -9.49
N CYS B 163 6.98 9.43 -9.16
CA CYS B 163 8.15 9.53 -8.31
C CYS B 163 7.66 9.48 -6.87
N SER B 164 7.61 8.29 -6.29
CA SER B 164 6.96 8.12 -5.00
C SER B 164 7.95 7.80 -3.90
N PHE B 165 7.60 8.23 -2.70
CA PHE B 165 8.33 7.93 -1.47
C PHE B 165 7.28 7.65 -0.41
N SER B 166 7.58 6.72 0.49
CA SER B 166 6.54 6.21 1.39
C SER B 166 6.15 7.21 2.49
N ARG B 167 6.70 8.42 2.47
CA ARG B 167 6.29 9.44 3.43
C ARG B 167 4.83 9.83 3.17
N PRO B 168 4.03 10.00 4.23
CA PRO B 168 2.60 10.27 3.99
C PRO B 168 2.30 11.63 3.38
N ASP B 169 3.00 12.69 3.79
CA ASP B 169 2.68 14.03 3.33
C ASP B 169 3.18 14.26 1.91
N ARG B 170 2.71 15.36 1.32
CA ARG B 170 2.94 15.71 -0.09
C ARG B 170 4.23 16.52 -0.22
N PRO B 171 5.10 16.17 -1.18
CA PRO B 171 6.36 16.90 -1.33
C PRO B 171 6.14 18.31 -1.86
N VAL B 172 7.11 19.18 -1.59
CA VAL B 172 6.91 20.55 -2.06
C VAL B 172 7.35 20.71 -3.50
N SER B 173 8.33 19.94 -3.98
CA SER B 173 8.68 20.07 -5.39
C SER B 173 9.15 18.73 -5.94
N VAL B 174 9.01 18.60 -7.26
CA VAL B 174 9.42 17.42 -8.01
C VAL B 174 10.22 17.89 -9.21
N HIS B 175 11.41 17.35 -9.39
CA HIS B 175 12.25 17.67 -10.52
C HIS B 175 12.49 16.40 -11.32
N TRP B 176 12.33 16.49 -12.64
CA TRP B 176 12.45 15.34 -13.51
C TRP B 176 13.66 15.49 -14.42
N PHE B 177 14.34 14.39 -14.68
CA PHE B 177 15.54 14.37 -15.48
C PHE B 177 15.50 13.14 -16.37
N GLN B 178 16.19 13.20 -17.50
CA GLN B 178 16.17 12.10 -18.45
C GLN B 178 17.57 11.87 -19.01
N GLY B 179 17.99 10.60 -19.12
CA GLY B 179 19.18 10.28 -19.87
C GLY B 179 20.52 10.29 -19.12
N GLN B 180 21.59 9.93 -19.87
CA GLN B 180 22.88 9.74 -19.24
C GLN B 180 23.29 10.96 -18.44
N ASN B 181 23.16 12.15 -19.04
CA ASN B 181 23.65 13.36 -18.44
C ASN B 181 22.61 14.13 -17.63
N ARG B 182 21.45 13.54 -17.32
CA ARG B 182 20.43 14.14 -16.44
C ARG B 182 19.90 15.44 -17.04
N VAL B 183 19.38 15.32 -18.26
CA VAL B 183 18.83 16.51 -18.92
C VAL B 183 17.52 16.87 -18.25
N PRO B 184 17.30 18.13 -17.86
CA PRO B 184 16.05 18.49 -17.19
C PRO B 184 14.85 18.30 -18.08
N VAL B 185 13.74 17.85 -17.48
CA VAL B 185 12.52 17.53 -18.19
C VAL B 185 11.42 18.46 -17.69
N TYR B 186 10.85 19.23 -18.59
CA TYR B 186 9.81 20.19 -18.25
C TYR B 186 8.51 19.80 -18.94
N ASN B 187 7.41 20.42 -18.48
CA ASN B 187 6.12 20.23 -19.13
C ASN B 187 6.24 20.63 -20.60
N SER B 188 5.87 19.72 -21.49
CA SER B 188 6.10 19.87 -22.91
C SER B 188 5.07 19.03 -23.64
N PRO B 189 5.00 19.14 -24.99
CA PRO B 189 4.11 18.25 -25.75
C PRO B 189 4.37 16.76 -25.52
N ARG B 190 5.61 16.35 -25.28
CA ARG B 190 5.93 14.95 -25.09
C ARG B 190 6.01 14.54 -23.62
N HIS B 191 5.86 15.48 -22.69
CA HIS B 191 5.95 15.15 -21.26
C HIS B 191 4.99 16.04 -20.49
N PHE B 192 3.92 15.45 -19.96
CA PHE B 192 2.95 16.21 -19.16
C PHE B 192 3.24 15.97 -17.69
N LEU B 193 3.50 17.04 -16.94
CA LEU B 193 3.82 16.96 -15.53
C LEU B 193 2.64 17.39 -14.69
N ALA B 194 2.30 16.62 -13.68
CA ALA B 194 1.29 17.04 -12.72
C ALA B 194 1.56 16.39 -11.38
N GLU B 195 1.65 17.22 -10.33
CA GLU B 195 2.03 16.79 -8.98
C GLU B 195 3.32 15.96 -9.00
N THR B 196 3.27 14.71 -8.58
CA THR B 196 4.44 13.84 -8.60
C THR B 196 4.49 12.94 -9.83
N PHE B 197 3.65 13.20 -10.84
CA PHE B 197 3.47 12.32 -11.98
C PHE B 197 4.02 12.94 -13.25
N LEU B 198 4.58 12.07 -14.10
CA LEU B 198 5.00 12.41 -15.45
C LEU B 198 4.32 11.45 -16.41
N LEU B 199 3.51 11.98 -17.31
CA LEU B 199 2.85 11.19 -18.35
C LEU B 199 3.57 11.38 -19.67
N LEU B 200 3.99 10.26 -20.28
CA LEU B 200 4.48 10.21 -21.64
C LEU B 200 3.34 9.64 -22.49
N PRO B 201 2.63 10.47 -23.25
CA PRO B 201 1.45 9.97 -23.99
C PRO B 201 1.80 9.01 -25.11
N GLN B 202 2.98 9.12 -25.70
CA GLN B 202 3.35 8.25 -26.82
C GLN B 202 4.87 8.06 -26.78
N VAL B 203 5.31 6.89 -26.33
CA VAL B 203 6.73 6.62 -26.24
C VAL B 203 7.28 6.39 -27.64
N SER B 204 8.53 6.80 -27.83
CA SER B 204 9.26 6.74 -29.09
C SER B 204 10.61 6.12 -28.77
N PRO B 205 11.44 5.80 -29.79
CA PRO B 205 12.75 5.19 -29.48
C PRO B 205 13.63 6.05 -28.61
N LEU B 206 13.41 7.37 -28.63
CA LEU B 206 14.23 8.29 -27.87
C LEU B 206 13.87 8.29 -26.39
N ASP B 207 12.71 7.73 -26.04
CA ASP B 207 12.25 7.64 -24.65
C ASP B 207 12.82 6.44 -23.89
N SER B 208 13.35 5.45 -24.59
CA SER B 208 14.00 4.33 -23.92
C SER B 208 15.29 4.81 -23.26
N GLY B 209 15.55 4.31 -22.06
CA GLY B 209 16.73 4.66 -21.29
C GLY B 209 16.36 5.10 -19.89
N THR B 210 17.33 5.73 -19.22
CA THR B 210 17.16 6.08 -17.82
C THR B 210 16.40 7.39 -17.65
N TRP B 211 15.53 7.42 -16.65
CA TRP B 211 14.81 8.59 -16.19
C TRP B 211 15.06 8.75 -14.70
N GLY B 212 14.94 9.98 -14.20
CA GLY B 212 15.22 10.25 -12.81
C GLY B 212 14.32 11.34 -12.29
N CYS B 213 14.14 11.33 -10.98
CA CYS B 213 13.38 12.37 -10.30
C CYS B 213 14.00 12.68 -8.95
N VAL B 214 13.76 13.91 -8.50
CA VAL B 214 14.13 14.36 -7.16
C VAL B 214 12.87 14.93 -6.51
N LEU B 215 12.47 14.35 -5.38
CA LEU B 215 11.39 14.87 -4.55
C LEU B 215 11.96 15.70 -3.42
N THR B 216 11.42 16.88 -3.20
CA THR B 216 11.83 17.70 -2.07
C THR B 216 10.61 18.00 -1.22
N TYR B 217 10.73 17.75 0.08
CA TYR B 217 9.68 17.97 1.06
C TYR B 217 9.94 19.27 1.80
N ARG B 218 8.91 19.74 2.51
CA ARG B 218 8.96 21.06 3.12
C ARG B 218 10.00 21.17 4.24
N ASP B 219 10.45 20.05 4.81
CA ASP B 219 11.48 20.09 5.83
C ASP B 219 12.89 20.08 5.24
N GLY B 220 13.01 20.07 3.91
CA GLY B 220 14.28 20.01 3.23
C GLY B 220 14.72 18.62 2.85
N PHE B 221 14.00 17.58 3.27
CA PHE B 221 14.35 16.22 2.89
C PHE B 221 14.08 16.02 1.41
N ASN B 222 15.07 15.52 0.68
CA ASN B 222 14.89 15.22 -0.73
C ASN B 222 15.36 13.80 -1.06
N VAL B 223 14.67 13.21 -2.03
CA VAL B 223 14.84 11.84 -2.49
C VAL B 223 15.23 11.86 -3.96
N SER B 224 16.25 11.08 -4.31
CA SER B 224 16.65 10.88 -5.69
C SER B 224 16.31 9.45 -6.11
N ILE B 225 15.56 9.32 -7.20
CA ILE B 225 15.11 8.02 -7.71
C ILE B 225 15.46 7.92 -9.19
N THR B 226 16.02 6.78 -9.58
CA THR B 226 16.30 6.47 -10.98
C THR B 226 15.48 5.26 -11.43
N TYR B 227 15.24 5.18 -12.74
CA TYR B 227 14.40 4.13 -13.32
C TYR B 227 14.79 3.94 -14.78
N ASN B 228 14.84 2.69 -15.24
CA ASN B 228 15.21 2.40 -16.63
C ASN B 228 13.97 1.97 -17.41
N LEU B 229 13.53 2.83 -18.33
CA LEU B 229 12.39 2.56 -19.20
C LEU B 229 12.88 1.82 -20.44
N LYS B 230 12.16 0.77 -20.84
CA LYS B 230 12.51 -0.03 -22.00
C LYS B 230 11.39 0.05 -23.03
N VAL B 231 11.75 0.36 -24.27
CA VAL B 231 10.78 0.58 -25.33
C VAL B 231 11.17 -0.30 -26.50
N LEU B 232 10.25 -1.17 -26.92
CA LEU B 232 10.50 -2.09 -28.01
C LEU B 232 9.91 -1.61 -29.33
C1 NAG C . -2.79 -1.73 -10.77
C2 NAG C . -1.50 -1.91 -9.95
C3 NAG C . -0.88 -3.27 -10.25
C4 NAG C . -1.90 -4.38 -10.02
C5 NAG C . -3.16 -4.11 -10.85
C6 NAG C . -4.25 -5.12 -10.62
C7 NAG C . -0.62 0.37 -9.65
C8 NAG C . 0.43 1.34 -10.06
N2 NAG C . -0.55 -0.84 -10.22
O3 NAG C . 0.26 -3.48 -9.43
O4 NAG C . -1.36 -5.64 -10.39
O5 NAG C . -3.70 -2.82 -10.50
O6 NAG C . -4.25 -5.60 -9.29
O7 NAG C . -1.52 0.67 -8.86
C1 NAG D . -18.09 -11.55 -14.85
C2 NAG D . -19.45 -12.08 -15.35
C3 NAG D . -19.41 -12.27 -16.85
C4 NAG D . -19.01 -10.95 -17.53
C5 NAG D . -17.68 -10.46 -16.97
C6 NAG D . -17.28 -9.11 -17.52
C7 NAG D . -20.92 -13.50 -13.99
C8 NAG D . -21.10 -14.86 -13.38
N2 NAG D . -19.78 -13.33 -14.69
O3 NAG D . -20.70 -12.67 -17.31
O4 NAG D . -18.89 -11.14 -18.93
O5 NAG D . -17.77 -10.32 -15.54
O6 NAG D . -18.10 -8.06 -17.01
O7 NAG D . -21.75 -12.62 -13.86
C1 NAG E . 2.50 8.94 -6.12
C2 NAG E . 1.50 8.22 -5.21
C3 NAG E . 1.06 9.14 -4.07
C4 NAG E . 2.29 9.63 -3.31
C5 NAG E . 3.26 10.32 -4.27
C6 NAG E . 4.53 10.76 -3.60
C7 NAG E . 0.30 6.59 -6.60
C8 NAG E . -0.98 6.27 -7.31
N2 NAG E . 0.33 7.75 -5.95
O3 NAG E . 0.19 8.45 -3.19
O4 NAG E . 1.90 10.54 -2.29
O5 NAG E . 3.63 9.41 -5.33
O6 NAG E . 5.07 9.75 -2.77
O7 NAG E . 1.27 5.82 -6.61
C1 NAG F . 18.52 18.36 -1.05
C2 NAG F . 19.35 18.70 -2.29
C3 NAG F . 20.81 18.80 -1.89
C4 NAG F . 20.97 19.81 -0.77
C5 NAG F . 20.05 19.47 0.41
C6 NAG F . 20.07 20.52 1.49
C7 NAG F . 19.78 17.48 -4.47
C8 NAG F . 19.21 16.42 -5.35
N2 NAG F . 19.10 17.72 -3.33
O3 NAG F . 21.60 19.24 -2.99
O4 NAG F . 22.32 19.81 -0.30
O5 NAG F . 18.69 19.38 -0.05
O6 NAG F . 20.06 21.83 0.94
O7 NAG F . 20.82 18.07 -4.76
C1 EDO G . 12.58 20.37 -13.51
O1 EDO G . 13.76 19.62 -13.83
C2 EDO G . 11.37 19.44 -13.59
O2 EDO G . 10.26 19.98 -12.85
C1 EDO H . 14.96 16.25 7.33
O1 EDO H . 13.86 15.33 7.27
C2 EDO H . 16.02 15.83 6.30
O2 EDO H . 16.38 14.45 6.51
#